data_6VCR
#
_entry.id   6VCR
#
_cell.length_a   78.525
_cell.length_b   38.811
_cell.length_c   57.692
_cell.angle_alpha   90.000
_cell.angle_beta   99.022
_cell.angle_gamma   90.000
#
_symmetry.space_group_name_H-M   'C 1 2 1'
#
loop_
_entity.id
_entity.type
_entity.pdbx_description
1 polymer 'RNA pyrophosphohydrolase'
2 non-polymer "CYTIDINE-5'-TRIPHOSPHATE"
3 non-polymer PYROPHOSPHATE
4 non-polymer 'SULFATE ION'
5 water water
#
_entity_poly.entity_id   1
_entity_poly.type   'polypeptide(L)'
_entity_poly.pdbx_seq_one_letter_code
;SMIDDDGYRPNVGIVICNRQGQVMWARRFGQHSWQFPQGGINPGESAEQAMYRELFEEVGLSRKDVRILASTRNWLRYKL
PKRLVRWDTKPVCIGQKQKWFLLQLVSGDAEINMQTSSTPEFDGWRWVSYWYPVRQVVSFKRDVYRRVMKEFASVVMSLA
A
;
_entity_poly.pdbx_strand_id   A
#
loop_
_chem_comp.id
_chem_comp.type
_chem_comp.name
_chem_comp.formula
CTP non-polymer CYTIDINE-5'-TRIPHOSPHATE 'C9 H16 N3 O14 P3'
PPV non-polymer PYROPHOSPHATE 'H4 O7 P2'
SO4 non-polymer 'SULFATE ION' 'O4 S -2'
#
# COMPACT_ATOMS: atom_id res chain seq x y z
N SER A 1 5.67 -8.84 9.84
CA SER A 1 7.09 -8.37 10.00
C SER A 1 7.35 -8.13 11.48
N MET A 2 8.63 -8.06 11.83
CA MET A 2 9.05 -7.92 13.22
C MET A 2 9.01 -6.45 13.64
N ILE A 3 8.54 -6.21 14.88
CA ILE A 3 8.54 -4.88 15.48
C ILE A 3 9.97 -4.48 15.81
N ASP A 4 10.36 -3.29 15.38
CA ASP A 4 11.73 -2.82 15.60
C ASP A 4 11.87 -2.22 16.99
N ASP A 5 13.05 -1.65 17.25
CA ASP A 5 13.42 -1.17 18.58
C ASP A 5 12.52 -0.03 19.06
N ASP A 6 12.00 0.76 18.13
CA ASP A 6 11.19 1.92 18.47
C ASP A 6 9.71 1.62 18.41
N GLY A 7 9.32 0.39 18.11
CA GLY A 7 7.93 0.01 18.07
C GLY A 7 7.29 0.02 16.70
N TYR A 8 8.06 0.16 15.63
CA TYR A 8 7.50 0.23 14.29
C TYR A 8 7.75 -1.06 13.54
N ARG A 9 6.71 -1.53 12.82
CA ARG A 9 6.90 -2.67 11.92
C ARG A 9 7.28 -2.17 10.53
N PRO A 10 8.28 -2.77 9.89
CA PRO A 10 8.62 -2.38 8.51
C PRO A 10 7.59 -2.93 7.52
N ASN A 11 7.14 -2.06 6.61
CA ASN A 11 6.05 -2.37 5.69
C ASN A 11 6.30 -1.69 4.36
N VAL A 12 5.61 -2.18 3.34
CA VAL A 12 5.64 -1.58 2.00
C VAL A 12 4.22 -1.23 1.59
N GLY A 13 4.07 -0.13 0.86
CA GLY A 13 2.79 0.25 0.29
C GLY A 13 2.89 0.36 -1.22
N ILE A 14 1.74 0.20 -1.88
CA ILE A 14 1.70 0.11 -3.33
C ILE A 14 0.64 1.04 -3.90
N VAL A 15 1.07 1.98 -4.75
CA VAL A 15 0.16 2.80 -5.54
C VAL A 15 0.18 2.25 -6.97
N ILE A 16 -0.94 1.72 -7.43
CA ILE A 16 -1.03 1.15 -8.77
C ILE A 16 -1.85 2.13 -9.60
N CYS A 17 -1.26 2.61 -10.70
CA CYS A 17 -1.96 3.56 -11.56
C CYS A 17 -2.22 2.95 -12.94
N ASN A 18 -3.11 3.60 -13.65
CA ASN A 18 -3.34 3.28 -15.06
C ASN A 18 -2.88 4.46 -15.91
N ARG A 19 -3.13 4.35 -17.21
CA ARG A 19 -2.61 5.34 -18.14
C ARG A 19 -3.35 6.65 -18.03
N GLN A 20 -4.58 6.61 -17.55
CA GLN A 20 -5.43 7.78 -17.34
C GLN A 20 -5.13 8.48 -16.03
N GLY A 21 -4.05 8.08 -15.35
CA GLY A 21 -3.71 8.71 -14.08
C GLY A 21 -4.58 8.34 -12.91
N GLN A 22 -5.53 7.41 -13.07
CA GLN A 22 -6.28 6.89 -11.94
C GLN A 22 -5.40 5.95 -11.12
N VAL A 23 -5.84 5.67 -9.90
CA VAL A 23 -5.12 4.77 -9.02
C VAL A 23 -6.08 3.75 -8.43
N MET A 24 -5.54 2.56 -8.12
CA MET A 24 -6.32 1.45 -7.61
C MET A 24 -6.60 1.63 -6.12
N TRP A 25 -7.88 1.64 -5.77
CA TRP A 25 -8.37 1.96 -4.43
C TRP A 25 -9.13 0.74 -3.92
N ALA A 26 -8.77 0.22 -2.73
CA ALA A 26 -9.30 -1.06 -2.30
C ALA A 26 -9.95 -0.96 -0.93
N ARG A 27 -11.06 -1.70 -0.77
CA ARG A 27 -11.86 -1.64 0.45
C ARG A 27 -11.33 -2.64 1.46
N ARG A 28 -10.91 -2.16 2.62
CA ARG A 28 -10.45 -3.05 3.68
C ARG A 28 -11.54 -4.09 3.97
N PHE A 29 -11.11 -5.34 4.09
CA PHE A 29 -12.01 -6.48 4.25
C PHE A 29 -13.00 -6.26 5.39
N GLY A 30 -14.28 -6.29 5.04
CA GLY A 30 -15.33 -6.17 6.04
C GLY A 30 -15.51 -4.79 6.63
N GLN A 31 -14.98 -3.76 6.00
CA GLN A 31 -15.12 -2.38 6.45
C GLN A 31 -15.68 -1.52 5.31
N HIS A 32 -15.87 -0.24 5.59
CA HIS A 32 -16.14 0.76 4.57
C HIS A 32 -15.03 1.79 4.48
N SER A 33 -13.84 1.38 4.89
CA SER A 33 -12.63 2.19 4.90
C SER A 33 -11.70 1.63 3.83
N TRP A 34 -11.13 2.50 3.02
CA TRP A 34 -10.37 2.12 1.85
C TRP A 34 -8.92 2.56 1.97
N GLN A 35 -8.05 1.86 1.24
CA GLN A 35 -6.62 2.17 1.29
C GLN A 35 -5.92 1.53 0.11
N PHE A 36 -4.64 1.85 -0.03
CA PHE A 36 -3.75 1.15 -0.94
C PHE A 36 -3.25 -0.15 -0.32
N PRO A 37 -2.85 -1.12 -1.15
CA PRO A 37 -2.23 -2.35 -0.60
C PRO A 37 -1.00 -1.99 0.23
N GLN A 38 -0.88 -2.64 1.39
CA GLN A 38 0.32 -2.51 2.19
C GLN A 38 0.57 -3.84 2.90
N GLY A 39 1.85 -4.16 3.07
CA GLY A 39 2.19 -5.41 3.74
C GLY A 39 3.56 -5.37 4.38
N GLY A 40 3.80 -6.35 5.22
CA GLY A 40 5.01 -6.37 6.00
C GLY A 40 6.22 -6.83 5.22
N ILE A 41 7.38 -6.44 5.71
CA ILE A 41 8.66 -6.89 5.14
C ILE A 41 9.23 -7.94 6.09
N ASN A 42 9.34 -9.19 5.62
CA ASN A 42 9.86 -10.27 6.44
C ASN A 42 11.38 -10.15 6.57
N PRO A 43 11.97 -10.75 7.61
CA PRO A 43 13.43 -10.83 7.65
C PRO A 43 13.97 -11.53 6.40
N GLY A 44 15.04 -10.98 5.85
CA GLY A 44 15.54 -11.53 4.60
C GLY A 44 14.75 -11.20 3.36
N GLU A 45 13.74 -10.33 3.47
CA GLU A 45 13.14 -9.72 2.29
C GLU A 45 13.69 -8.32 2.10
N SER A 46 13.95 -7.97 0.85
CA SER A 46 14.08 -6.58 0.48
C SER A 46 12.70 -5.94 0.37
N ALA A 47 12.66 -4.60 0.39
CA ALA A 47 11.40 -3.91 0.19
C ALA A 47 10.74 -4.32 -1.12
N GLU A 48 11.52 -4.41 -2.20
CA GLU A 48 10.93 -4.74 -3.49
C GLU A 48 10.37 -6.16 -3.48
N GLN A 49 11.06 -7.10 -2.83
CA GLN A 49 10.54 -8.47 -2.73
C GLN A 49 9.26 -8.51 -1.92
N ALA A 50 9.23 -7.81 -0.78
CA ALA A 50 8.03 -7.73 0.03
C ALA A 50 6.88 -7.12 -0.76
N MET A 51 7.17 -6.12 -1.60
CA MET A 51 6.15 -5.51 -2.45
C MET A 51 5.58 -6.52 -3.42
N TYR A 52 6.45 -7.29 -4.08
CA TYR A 52 5.92 -8.26 -5.02
C TYR A 52 5.17 -9.39 -4.33
N ARG A 53 5.53 -9.73 -3.08
CA ARG A 53 4.76 -10.73 -2.34
C ARG A 53 3.38 -10.18 -1.99
N GLU A 54 3.32 -8.93 -1.53
CA GLU A 54 2.02 -8.29 -1.27
C GLU A 54 1.19 -8.23 -2.54
N LEU A 55 1.82 -7.86 -3.65
CA LEU A 55 1.13 -7.82 -4.92
C LEU A 55 0.54 -9.18 -5.28
N PHE A 56 1.28 -10.25 -5.07
CA PHE A 56 0.75 -11.57 -5.40
C PHE A 56 -0.32 -12.01 -4.39
N GLU A 57 -0.01 -11.88 -3.09
CA GLU A 57 -0.84 -12.49 -2.07
C GLU A 57 -2.17 -11.75 -1.92
N GLU A 58 -2.19 -10.44 -2.11
CA GLU A 58 -3.40 -9.68 -1.84
C GLU A 58 -4.01 -9.03 -3.07
N VAL A 59 -3.26 -8.93 -4.18
CA VAL A 59 -3.78 -8.37 -5.42
C VAL A 59 -3.80 -9.39 -6.54
N GLY A 60 -3.15 -10.55 -6.37
CA GLY A 60 -3.20 -11.62 -7.35
C GLY A 60 -2.32 -11.43 -8.55
N LEU A 61 -1.42 -10.46 -8.52
CA LEU A 61 -0.67 -10.06 -9.70
C LEU A 61 0.79 -10.52 -9.62
N SER A 62 1.39 -10.63 -10.80
CA SER A 62 2.78 -10.95 -11.03
C SER A 62 3.60 -9.71 -11.35
N ARG A 63 4.92 -9.82 -11.19
CA ARG A 63 5.80 -8.80 -11.75
C ARG A 63 5.43 -8.51 -13.20
N LYS A 64 5.05 -9.55 -13.95
CA LYS A 64 4.84 -9.35 -15.38
C LYS A 64 3.59 -8.54 -15.68
N ASP A 65 2.72 -8.32 -14.70
CA ASP A 65 1.52 -7.52 -14.89
C ASP A 65 1.70 -6.03 -14.66
N VAL A 66 2.87 -5.60 -14.20
CA VAL A 66 3.10 -4.23 -13.75
C VAL A 66 4.47 -3.78 -14.24
N ARG A 67 4.70 -2.47 -14.19
CA ARG A 67 6.07 -1.98 -14.19
C ARG A 67 6.26 -0.99 -13.06
N ILE A 68 7.43 -1.02 -12.44
CA ILE A 68 7.76 -0.10 -11.38
C ILE A 68 8.13 1.22 -12.02
N LEU A 69 7.44 2.28 -11.62
CA LEU A 69 7.72 3.62 -12.14
C LEU A 69 8.45 4.52 -11.16
N ALA A 70 8.36 4.24 -9.86
CA ALA A 70 9.01 5.06 -8.85
C ALA A 70 8.93 4.35 -7.52
N SER A 71 9.74 4.79 -6.58
CA SER A 71 9.71 4.27 -5.22
C SER A 71 10.26 5.34 -4.28
N THR A 72 9.78 5.36 -3.04
CA THR A 72 10.32 6.27 -2.05
C THR A 72 11.62 5.72 -1.48
N ARG A 73 12.50 6.63 -1.07
CA ARG A 73 13.85 6.23 -0.66
C ARG A 73 13.88 5.78 0.80
N ASN A 74 13.39 6.62 1.70
CA ASN A 74 13.51 6.39 3.13
C ASN A 74 12.14 6.18 3.74
N TRP A 75 12.15 5.65 4.97
CA TRP A 75 10.91 5.31 5.65
C TRP A 75 10.04 6.54 5.81
N LEU A 76 8.73 6.32 5.75
CA LEU A 76 7.73 7.25 6.25
C LEU A 76 6.92 6.52 7.30
N ARG A 77 6.61 7.18 8.41
CA ARG A 77 6.05 6.52 9.57
C ARG A 77 4.68 7.07 9.91
N TYR A 78 3.79 6.20 10.38
CA TYR A 78 2.57 6.62 11.04
C TYR A 78 2.44 5.89 12.36
N LYS A 79 1.79 6.53 13.32
CA LYS A 79 1.51 5.92 14.60
C LYS A 79 0.04 5.53 14.66
N LEU A 80 -0.23 4.37 15.25
CA LEU A 80 -1.61 3.96 15.45
C LEU A 80 -2.27 4.85 16.50
N PRO A 81 -3.54 5.20 16.31
CA PRO A 81 -4.31 5.73 17.44
C PRO A 81 -4.16 4.79 18.63
N LYS A 82 -3.94 5.38 19.81
CA LYS A 82 -3.66 4.55 20.99
C LYS A 82 -4.79 3.57 21.25
N ARG A 83 -6.02 3.93 20.92
CA ARG A 83 -7.13 3.00 21.08
C ARG A 83 -6.92 1.71 20.31
N LEU A 84 -6.28 1.77 19.14
CA LEU A 84 -6.10 0.60 18.29
C LEU A 84 -4.78 -0.10 18.53
N VAL A 85 -4.04 0.27 19.56
CA VAL A 85 -2.78 -0.40 19.88
C VAL A 85 -3.09 -1.73 20.53
N ARG A 86 -2.49 -2.81 20.03
CA ARG A 86 -2.68 -4.15 20.56
C ARG A 86 -1.62 -4.44 21.62
N TRP A 87 -2.05 -4.78 22.83
CA TRP A 87 -1.15 -5.00 23.95
C TRP A 87 -0.88 -6.48 24.20
N ASP A 88 -1.21 -7.35 23.24
CA ASP A 88 -1.03 -8.78 23.41
C ASP A 88 0.29 -9.28 22.85
N THR A 89 1.24 -8.37 22.57
CA THR A 89 2.54 -8.75 22.04
C THR A 89 3.67 -8.11 22.85
N LYS A 90 4.87 -8.68 22.74
CA LYS A 90 6.03 -8.03 23.22
C LYS A 90 7.02 -8.06 22.03
N PRO A 91 7.64 -6.90 21.76
CA PRO A 91 7.44 -5.49 22.19
C PRO A 91 6.14 -4.97 21.54
N VAL A 92 5.42 -4.03 22.15
CA VAL A 92 4.17 -3.54 21.59
C VAL A 92 4.45 -2.72 20.33
N CYS A 93 3.60 -2.90 19.32
CA CYS A 93 3.73 -2.13 18.08
C CYS A 93 2.93 -0.85 18.17
N ILE A 94 3.58 0.28 17.90
CA ILE A 94 2.90 1.57 17.92
C ILE A 94 2.65 2.13 16.54
N GLY A 95 3.13 1.48 15.49
CA GLY A 95 2.89 1.98 14.15
C GLY A 95 3.73 1.24 13.13
N GLN A 96 3.78 1.82 11.94
CA GLN A 96 4.52 1.26 10.83
C GLN A 96 5.48 2.28 10.25
N LYS A 97 6.63 1.79 9.79
CA LYS A 97 7.52 2.52 8.90
C LYS A 97 7.38 1.89 7.53
N GLN A 98 7.19 2.73 6.50
CA GLN A 98 6.80 2.22 5.19
C GLN A 98 7.68 2.77 4.07
N LYS A 99 7.96 1.88 3.11
CA LYS A 99 8.55 2.20 1.83
C LYS A 99 7.48 2.00 0.77
N TRP A 100 7.38 2.93 -0.17
CA TRP A 100 6.27 2.96 -1.11
C TRP A 100 6.76 2.80 -2.54
N PHE A 101 5.89 2.19 -3.35
CA PHE A 101 6.17 1.87 -4.74
C PHE A 101 5.03 2.38 -5.60
N LEU A 102 5.37 2.98 -6.73
CA LEU A 102 4.41 3.35 -7.75
C LEU A 102 4.54 2.36 -8.89
N LEU A 103 3.45 1.64 -9.17
CA LEU A 103 3.40 0.68 -10.26
C LEU A 103 2.36 1.11 -11.29
N GLN A 104 2.65 0.84 -12.56
CA GLN A 104 1.64 0.93 -13.59
C GLN A 104 1.11 -0.47 -13.90
N LEU A 105 -0.21 -0.61 -13.90
CA LEU A 105 -0.83 -1.86 -14.33
C LEU A 105 -0.77 -1.93 -15.85
N VAL A 106 -0.16 -2.99 -16.37
CA VAL A 106 -0.14 -3.18 -17.81
C VAL A 106 -0.95 -4.39 -18.26
N SER A 107 -1.32 -5.31 -17.38
CA SER A 107 -2.27 -6.35 -17.75
C SER A 107 -3.70 -5.82 -17.62
N GLY A 108 -4.66 -6.61 -18.09
CA GLY A 108 -6.05 -6.22 -17.97
C GLY A 108 -6.51 -6.14 -16.53
N ASP A 109 -7.55 -5.33 -16.30
CA ASP A 109 -8.14 -5.21 -14.97
C ASP A 109 -8.51 -6.57 -14.39
N ALA A 110 -8.95 -7.49 -15.25
CA ALA A 110 -9.42 -8.79 -14.79
C ALA A 110 -8.33 -9.66 -14.20
N GLU A 111 -7.05 -9.31 -14.36
CA GLU A 111 -6.00 -10.09 -13.72
C GLU A 111 -5.96 -9.87 -12.22
N ILE A 112 -6.51 -8.75 -11.73
CA ILE A 112 -6.50 -8.51 -10.29
C ILE A 112 -7.46 -9.47 -9.62
N ASN A 113 -6.98 -10.12 -8.56
CA ASN A 113 -7.77 -11.05 -7.76
C ASN A 113 -7.42 -10.77 -6.31
N MET A 114 -8.36 -10.21 -5.56
CA MET A 114 -8.15 -9.88 -4.16
C MET A 114 -8.74 -10.90 -3.20
N GLN A 115 -9.18 -12.04 -3.72
CA GLN A 115 -9.90 -13.02 -2.92
C GLN A 115 -9.13 -14.33 -2.76
N THR A 116 -7.81 -14.34 -3.01
CA THR A 116 -7.11 -15.61 -2.94
C THR A 116 -6.70 -16.02 -1.53
N SER A 117 -6.62 -15.10 -0.58
CA SER A 117 -6.27 -15.49 0.79
C SER A 117 -7.49 -16.02 1.54
N SER A 118 -7.21 -16.81 2.58
CA SER A 118 -8.26 -17.17 3.54
C SER A 118 -8.68 -15.99 4.41
N THR A 119 -7.82 -14.99 4.53
CA THR A 119 -8.08 -13.75 5.26
C THR A 119 -7.65 -12.59 4.37
N PRO A 120 -8.46 -12.23 3.39
CA PRO A 120 -8.03 -11.18 2.45
C PRO A 120 -7.82 -9.83 3.14
N GLU A 121 -6.86 -9.07 2.62
CA GLU A 121 -6.69 -7.68 3.01
C GLU A 121 -7.91 -6.87 2.60
N PHE A 122 -8.49 -7.22 1.46
CA PHE A 122 -9.51 -6.40 0.83
C PHE A 122 -10.69 -7.23 0.35
N ASP A 123 -11.86 -6.58 0.28
CA ASP A 123 -13.02 -7.17 -0.39
C ASP A 123 -12.91 -7.05 -1.90
N GLY A 124 -12.33 -5.95 -2.37
CA GLY A 124 -12.28 -5.66 -3.80
C GLY A 124 -11.80 -4.23 -3.98
N TRP A 125 -11.87 -3.75 -5.24
CA TRP A 125 -11.25 -2.49 -5.59
C TRP A 125 -12.04 -1.72 -6.64
N ARG A 126 -11.62 -0.47 -6.87
CA ARG A 126 -12.13 0.34 -7.97
C ARG A 126 -11.07 1.37 -8.34
N TRP A 127 -11.19 1.92 -9.55
CA TRP A 127 -10.34 3.03 -9.96
C TRP A 127 -10.90 4.33 -9.39
N VAL A 128 -10.01 5.16 -8.85
CA VAL A 128 -10.37 6.49 -8.38
C VAL A 128 -9.43 7.55 -8.94
N SER A 129 -9.86 8.80 -8.85
CA SER A 129 -9.01 9.91 -9.24
C SER A 129 -7.78 9.98 -8.34
N TYR A 130 -6.71 10.53 -8.91
CA TYR A 130 -5.39 10.43 -8.30
C TYR A 130 -5.37 10.94 -6.86
N TRP A 131 -5.95 12.10 -6.60
CA TRP A 131 -5.80 12.72 -5.28
C TRP A 131 -6.86 12.28 -4.27
N TYR A 132 -7.89 11.57 -4.73
CA TYR A 132 -8.95 11.10 -3.85
C TYR A 132 -8.44 10.36 -2.63
N PRO A 133 -7.40 9.51 -2.73
CA PRO A 133 -6.93 8.79 -1.53
C PRO A 133 -6.45 9.69 -0.41
N VAL A 134 -5.82 10.83 -0.70
CA VAL A 134 -5.25 11.64 0.37
C VAL A 134 -6.35 12.10 1.33
N ARG A 135 -7.54 12.40 0.81
CA ARG A 135 -8.66 12.89 1.62
C ARG A 135 -9.55 11.77 2.16
N GLN A 136 -9.38 10.53 1.67
CA GLN A 136 -10.32 9.46 1.98
C GLN A 136 -9.72 8.36 2.85
N VAL A 137 -8.39 8.24 2.91
CA VAL A 137 -7.79 7.26 3.81
C VAL A 137 -8.03 7.66 5.26
N VAL A 138 -8.00 6.66 6.14
CA VAL A 138 -8.16 6.90 7.57
C VAL A 138 -7.17 7.96 8.04
N SER A 139 -7.64 8.80 8.97
CA SER A 139 -6.96 10.03 9.33
C SER A 139 -5.49 9.80 9.71
N PHE A 140 -5.20 8.74 10.46
CA PHE A 140 -3.82 8.60 10.95
C PHE A 140 -2.84 8.20 9.83
N LYS A 141 -3.32 7.94 8.62
CA LYS A 141 -2.40 7.67 7.51
C LYS A 141 -2.31 8.82 6.52
N ARG A 142 -2.97 9.94 6.78
CA ARG A 142 -3.06 11.00 5.78
C ARG A 142 -1.73 11.72 5.58
N ASP A 143 -0.96 11.94 6.66
CA ASP A 143 0.33 12.58 6.47
C ASP A 143 1.22 11.75 5.56
N VAL A 144 1.24 10.43 5.76
CA VAL A 144 2.04 9.58 4.88
C VAL A 144 1.51 9.66 3.45
N TYR A 145 0.19 9.51 3.28
CA TYR A 145 -0.38 9.48 1.95
C TYR A 145 -0.13 10.78 1.20
N ARG A 146 -0.30 11.93 1.87
CA ARG A 146 -0.03 13.21 1.23
C ARG A 146 1.42 13.28 0.74
N ARG A 147 2.37 12.82 1.55
CA ARG A 147 3.76 12.84 1.13
C ARG A 147 3.99 11.91 -0.05
N VAL A 148 3.42 10.70 0.00
CA VAL A 148 3.63 9.74 -1.07
C VAL A 148 3.03 10.26 -2.38
N MET A 149 1.78 10.72 -2.33
CA MET A 149 1.09 11.09 -3.57
C MET A 149 1.72 12.34 -4.18
N LYS A 150 2.22 13.25 -3.31
CA LYS A 150 2.95 14.41 -3.82
C LYS A 150 4.22 13.97 -4.49
N GLU A 151 4.93 13.00 -3.91
CA GLU A 151 6.18 12.55 -4.50
C GLU A 151 5.94 11.83 -5.83
N PHE A 152 4.85 11.09 -5.93
CA PHE A 152 4.58 10.31 -7.14
C PHE A 152 3.85 11.12 -8.21
N ALA A 153 3.39 12.33 -7.90
CA ALA A 153 2.48 13.02 -8.80
C ALA A 153 3.16 13.33 -10.14
N SER A 154 4.42 13.77 -10.09
CA SER A 154 5.13 14.14 -11.32
C SER A 154 5.07 13.03 -12.35
N VAL A 155 5.15 11.78 -11.90
CA VAL A 155 5.24 10.68 -12.84
C VAL A 155 3.86 10.28 -13.36
N VAL A 156 2.83 10.33 -12.51
CA VAL A 156 1.52 9.82 -12.91
C VAL A 156 0.83 10.77 -13.88
N MET A 157 0.86 12.07 -13.63
CA MET A 157 0.08 12.97 -14.47
C MET A 157 0.63 13.01 -15.90
N SER A 158 1.94 12.84 -16.07
CA SER A 158 2.49 12.76 -17.42
C SER A 158 1.84 11.62 -18.21
N LEU A 159 1.58 10.48 -17.54
CA LEU A 159 0.90 9.39 -18.23
C LEU A 159 -0.51 9.77 -18.65
N ALA A 160 -1.18 10.59 -17.85
CA ALA A 160 -2.60 10.87 -18.05
C ALA A 160 -2.86 11.87 -19.17
N ALA A 161 -1.81 12.46 -19.73
CA ALA A 161 -1.95 13.42 -20.83
C ALA A 161 -2.45 12.74 -22.10
N1 CTP B . -7.60 -0.27 11.53
C2 CTP B . -9.03 -0.01 11.41
N3 CTP B . -9.53 0.73 10.36
C4 CTP B . -8.64 1.20 9.45
C5 CTP B . -7.26 0.97 9.55
C6 CTP B . -6.75 0.23 10.61
O2 CTP B . -9.77 -0.44 12.22
N4 CTP B . -9.16 1.98 8.47
C1' CTP B . -7.15 -1.06 12.67
C2' CTP B . -7.21 -2.39 12.46
O2' CTP B . -7.64 -3.00 13.69
C3' CTP B . -5.77 -2.82 12.08
C4' CTP B . -4.95 -1.82 12.89
O4' CTP B . -5.82 -0.67 12.98
O3' CTP B . -5.52 -4.17 12.47
C5' CTP B . -3.64 -1.38 12.24
O5' CTP B . -3.98 -0.99 10.94
PA CTP B . -2.77 -1.05 9.85
O1A CTP B . -3.35 -0.61 8.53
O2A CTP B . -1.59 -0.24 10.38
O3A CTP B . -2.34 -2.59 9.80
PB CTP B . -3.20 -3.93 9.56
O1B CTP B . -4.48 -3.61 8.82
O2B CTP B . -3.47 -4.60 10.88
O3B CTP B . -2.35 -4.81 8.63
PG CTP B . -1.04 -5.70 8.87
O1G CTP B . -1.43 -7.10 9.36
O2G CTP B . -0.10 -5.04 9.84
O3G CTP B . -0.37 -5.84 7.49
H5 CTP B . -6.68 1.30 8.90
H6 CTP B . -5.84 0.09 10.68
HN41 CTP B . -8.69 2.24 7.77
HN42 CTP B . -10.02 2.06 8.42
H1' CTP B . -7.70 -0.91 13.45
H2' CTP B . -7.79 -2.60 11.71
HO2' CTP B . -8.38 -3.39 13.58
H3' CTP B . -5.62 -2.73 11.12
H4' CTP B . -4.76 -2.20 13.76
H5'1 CTP B . -3.00 -2.11 12.22
H5'2 CTP B . -3.26 -0.62 12.72
N1 CTP C . 9.40 11.41 8.38
C2 CTP C . 8.76 10.15 8.82
N3 CTP C . 7.38 10.00 8.77
C4 CTP C . 6.66 11.03 8.31
C5 CTP C . 7.25 12.25 7.88
C6 CTP C . 8.62 12.41 7.92
O2 CTP C . 9.42 9.27 9.20
N4 CTP C . 5.32 10.87 8.27
C1' CTP C . 10.84 11.55 8.42
C2' CTP C . 11.35 10.85 7.39
O2' CTP C . 12.50 10.12 7.83
C3' CTP C . 11.72 11.85 6.27
C4' CTP C . 11.89 13.15 7.05
O4' CTP C . 11.21 12.92 8.31
O3' CTP C . 12.94 11.45 5.65
C5' CTP C . 11.27 14.39 6.40
O5' CTP C . 11.52 15.47 7.27
PA CTP C . 10.98 16.94 6.77
O1A CTP C . 10.70 16.88 5.29
O2A CTP C . 12.04 17.98 7.07
O3A CTP C . 9.62 17.30 7.61
PB CTP C . 9.36 17.63 9.15
O1B CTP C . 9.58 16.39 10.00
O2B CTP C . 10.33 18.69 9.59
O3B CTP C . 7.92 18.13 9.34
H5 CTP C . 6.71 12.94 7.58
H6 CTP C . 9.00 13.20 7.62
HN41 CTP C . 4.97 10.12 8.54
HN42 CTP C . 4.81 11.51 7.99
H1' CTP C . 11.26 11.24 9.24
H2' CTP C . 10.66 10.26 7.06
HO2' CTP C . 12.25 9.40 8.22
H3' CTP C . 11.01 11.92 5.61
H4' CTP C . 12.83 13.29 7.19
H5'1 CTP C . 11.67 14.55 5.52
H5'2 CTP C . 10.31 14.27 6.29
N1 CTP D . 7.19 11.93 11.70
C2 CTP D . 8.14 12.99 11.25
N3 CTP D . 7.65 14.13 10.65
C4 CTP D . 6.31 14.24 10.49
C5 CTP D . 5.40 13.25 10.91
C6 CTP D . 5.87 12.10 11.52
O2 CTP D . 9.30 12.86 11.40
N4 CTP D . 5.86 15.36 9.89
C1' CTP D . 7.63 10.71 12.35
C2' CTP D . 7.90 10.99 13.63
O2' CTP D . 9.06 10.27 14.03
C3' CTP D . 6.64 10.56 14.46
C4' CTP D . 6.01 9.51 13.55
O4' CTP D . 6.61 9.73 12.25
O3' CTP D . 7.06 9.99 15.70
C5' CTP D . 4.47 9.56 13.44
O5' CTP D . 4.08 10.92 13.42
PA CTP D . 2.91 11.49 14.42
O1A CTP D . 1.80 10.51 14.36
O2A CTP D . 2.41 12.76 13.81
O3A CTP D . 3.50 11.77 15.94
PB CTP D . 2.81 12.28 17.30
O1B CTP D . 2.27 11.06 18.05
O2B CTP D . 1.72 13.21 16.81
O3B CTP D . 3.62 12.98 18.41
PG CTP D . 4.93 12.58 19.26
O1G CTP D . 5.24 11.78 17.98
O2G CTP D . 5.81 13.78 19.52
O3G CTP D . 4.80 11.69 20.51
H5 CTP D . 4.49 13.37 10.78
H6 CTP D . 5.27 11.45 11.81
HN41 CTP D . 6.42 15.97 9.63
HN42 CTP D . 5.01 15.47 9.77
H1' CTP D . 8.43 10.32 11.98
H2' CTP D . 8.00 11.94 13.74
HO2' CTP D . 9.73 10.80 14.04
H3' CTP D . 6.04 11.31 14.60
H4' CTP D . 6.26 8.63 13.87
HO3' CTP D . 7.79 10.36 15.95
H5'1 CTP D . 4.07 9.13 14.21
H5'2 CTP D . 4.18 9.13 12.63
O11 PPV E . -16.75 9.16 -1.99
P1 PPV E . -17.77 9.50 -0.92
O21 PPV E . -17.11 10.32 0.17
O31 PPV E . -18.32 8.21 -0.35
OPP PPV E . -18.92 10.40 -1.70
P2 PPV E . -19.93 11.55 -1.09
O12 PPV E . -19.13 12.58 -0.33
O22 PPV E . -20.60 12.24 -2.27
O32 PPV E . -20.99 10.94 -0.22
S SO4 F . 11.35 10.04 0.45
O1 SO4 F . 10.00 10.12 1.00
O2 SO4 F . 11.31 9.44 -0.89
O3 SO4 F . 12.19 9.22 1.31
O4 SO4 F . 11.93 11.38 0.35
#